data_6N9M
#
_entry.id   6N9M
#
_cell.length_a   42.081
_cell.length_b   73.232
_cell.length_c   91.875
_cell.angle_alpha   90.00
_cell.angle_beta   90.00
_cell.angle_gamma   90.00
#
_symmetry.space_group_name_H-M   'P 21 21 21'
#
loop_
_entity.id
_entity.type
_entity.pdbx_description
1 polymer 'Adenosine deaminase'
2 non-polymer "2'-DEOXYCOFORMYCIN"
3 non-polymer 'ZINC ION'
4 non-polymer 'CALCIUM ION'
5 non-polymer 'FORMIC ACID'
6 water water
#
_entity_poly.entity_id   1
_entity_poly.type   'polypeptide(L)'
_entity_poly.pdbx_seq_one_letter_code
;(MSE)IDITLPLTDIHRHLDGNIRAQTILDLGRQFNIALPAQTLETLIPHVQVTSTEPDLVSFLTKLDWGVKVLASLDAC
RRVAFENIEDAARNGLHYVELRFSPGY(MSE)A(MSE)AHQLPIAGVVEAVIDGVRDGCNTFGVEARLIGI(MSE)SRTF
GEAACLQELDALLAHRENITALDLAGDELGFPGSLFLSHFNRARDAGWHITVHAGEAAGPESIWQAIRELGAERIGHGVK
AVEDRAL(MSE)DFLAQQRIGIESCLTSNIQTSTVASLADHPLKTFLEHGVLASLNTDDPAVQGVDIIHEYHVAAPAAGL
SREQIRQAQINGLEIAFLSDSEKRALREKVAEARGENLYFQ
;
_entity_poly.pdbx_strand_id   A
#
loop_
_chem_comp.id
_chem_comp.type
_chem_comp.name
_chem_comp.formula
CA non-polymer 'CALCIUM ION' 'Ca 2'
DCF non-polymer 2'-DEOXYCOFORMYCIN 'C11 H16 N4 O4'
FMT non-polymer 'FORMIC ACID' 'C H2 O2'
ZN non-polymer 'ZINC ION' 'Zn 2'
#
# COMPACT_ATOMS: atom_id res chain seq x y z
N MSE A 1 -3.40 1.68 -22.01
CA MSE A 1 -2.61 2.91 -22.04
C MSE A 1 -2.80 3.66 -20.72
O MSE A 1 -3.80 3.46 -20.03
CB MSE A 1 -3.07 3.79 -23.21
CG MSE A 1 -2.02 4.75 -23.73
SE MSE A 1 -0.53 3.85 -24.65
CE MSE A 1 -1.40 3.43 -26.34
N ILE A 2 -1.85 4.51 -20.36
CA ILE A 2 -2.05 5.53 -19.35
C ILE A 2 -2.52 6.79 -20.07
N ASP A 3 -3.63 7.38 -19.59
CA ASP A 3 -4.16 8.60 -20.19
C ASP A 3 -3.43 9.80 -19.58
N ILE A 4 -2.68 10.52 -20.41
CA ILE A 4 -1.89 11.65 -19.92
C ILE A 4 -2.73 12.89 -19.69
N THR A 5 -4.02 12.86 -19.99
CA THR A 5 -4.93 13.96 -19.69
C THR A 5 -5.70 13.73 -18.40
N LEU A 6 -5.41 12.66 -17.67
CA LEU A 6 -6.00 12.35 -16.38
C LEU A 6 -4.88 12.13 -15.38
N PRO A 7 -5.10 12.51 -14.12
CA PRO A 7 -4.04 12.28 -13.12
C PRO A 7 -3.76 10.80 -12.99
N LEU A 8 -2.48 10.49 -12.71
CA LEU A 8 -2.03 9.13 -12.46
C LEU A 8 -1.74 9.01 -10.97
N THR A 9 -2.39 8.06 -10.32
CA THR A 9 -2.27 7.88 -8.88
C THR A 9 -1.76 6.48 -8.56
N ASP A 10 -1.32 6.31 -7.33
CA ASP A 10 -1.06 4.99 -6.76
C ASP A 10 -1.39 5.17 -5.29
N ILE A 11 -2.45 4.51 -4.83
N ILE A 11 -2.45 4.51 -4.82
CA ILE A 11 -2.97 4.72 -3.48
CA ILE A 11 -2.91 4.74 -3.45
C ILE A 11 -2.78 3.51 -2.58
C ILE A 11 -2.72 3.52 -2.56
N HIS A 12 -2.11 2.45 -3.06
CA HIS A 12 -1.76 1.27 -2.25
C HIS A 12 -0.30 0.99 -2.56
N ARG A 13 0.58 1.60 -1.76
CA ARG A 13 2.00 1.68 -2.09
C ARG A 13 2.74 1.78 -0.77
N HIS A 14 3.41 0.70 -0.38
CA HIS A 14 4.09 0.61 0.92
C HIS A 14 5.48 1.21 0.79
N LEU A 15 5.68 2.34 1.47
CA LEU A 15 6.99 2.97 1.55
C LEU A 15 8.05 1.97 2.01
N ASP A 16 7.72 1.21 3.07
CA ASP A 16 8.68 0.28 3.66
C ASP A 16 8.74 -1.07 2.96
N GLY A 17 7.95 -1.25 1.90
CA GLY A 17 8.16 -2.31 0.93
C GLY A 17 8.78 -1.80 -0.34
N ASN A 18 9.30 -0.56 -0.33
CA ASN A 18 9.91 0.03 -1.51
C ASN A 18 11.22 0.71 -1.12
N ILE A 19 12.11 -0.07 -0.53
CA ILE A 19 13.45 0.38 -0.18
C ILE A 19 14.40 -0.14 -1.26
N ARG A 20 14.99 0.79 -2.02
CA ARG A 20 15.80 0.42 -3.18
C ARG A 20 16.93 -0.51 -2.78
N ALA A 21 17.24 -1.46 -3.66
CA ALA A 21 18.31 -2.41 -3.37
C ALA A 21 19.64 -1.71 -3.16
N GLN A 22 19.94 -0.68 -3.97
CA GLN A 22 21.18 0.06 -3.77
C GLN A 22 21.20 0.75 -2.41
N THR A 23 20.04 1.21 -1.95
CA THR A 23 19.98 1.84 -0.63
C THR A 23 20.20 0.84 0.49
N ILE A 24 19.74 -0.40 0.31
CA ILE A 24 20.05 -1.45 1.27
C ILE A 24 21.55 -1.67 1.36
N LEU A 25 22.22 -1.78 0.20
CA LEU A 25 23.68 -1.90 0.21
C LEU A 25 24.33 -0.70 0.88
N ASP A 26 23.88 0.51 0.53
CA ASP A 26 24.49 1.72 1.06
C ASP A 26 24.36 1.79 2.57
N LEU A 27 23.14 1.54 3.07
CA LEU A 27 22.92 1.67 4.51
C LEU A 27 23.59 0.54 5.27
N GLY A 28 23.57 -0.68 4.71
CA GLY A 28 24.32 -1.76 5.34
C GLY A 28 25.79 -1.44 5.49
N ARG A 29 26.38 -0.84 4.45
N ARG A 29 26.38 -0.83 4.46
CA ARG A 29 27.78 -0.43 4.54
CA ARG A 29 27.79 -0.44 4.55
C ARG A 29 27.97 0.70 5.54
C ARG A 29 27.99 0.72 5.51
N GLN A 30 27.08 1.71 5.49
CA GLN A 30 27.22 2.86 6.39
C GLN A 30 27.17 2.43 7.86
N PHE A 31 26.27 1.50 8.20
CA PHE A 31 26.06 1.06 9.57
C PHE A 31 26.83 -0.20 9.94
N ASN A 32 27.62 -0.76 9.03
N ASN A 32 27.62 -0.77 9.03
CA ASN A 32 28.33 -2.02 9.26
CA ASN A 32 28.34 -2.02 9.31
C ASN A 32 27.37 -3.14 9.69
C ASN A 32 27.38 -3.15 9.68
N ILE A 33 26.26 -3.25 8.98
CA ILE A 33 25.28 -4.29 9.18
C ILE A 33 25.56 -5.38 8.16
N ALA A 34 25.77 -6.60 8.64
CA ALA A 34 26.03 -7.72 7.75
C ALA A 34 24.80 -8.01 6.90
N LEU A 35 25.02 -8.10 5.58
CA LEU A 35 23.95 -8.35 4.62
C LEU A 35 24.13 -9.74 4.02
N PRO A 36 23.07 -10.33 3.46
CA PRO A 36 23.20 -11.66 2.85
C PRO A 36 23.89 -11.66 1.49
N ALA A 37 24.24 -10.48 0.97
CA ALA A 37 24.93 -10.37 -0.30
C ALA A 37 25.57 -9.00 -0.36
N GLN A 38 26.61 -8.88 -1.20
CA GLN A 38 27.43 -7.69 -1.23
C GLN A 38 27.32 -6.89 -2.52
N THR A 39 26.60 -7.40 -3.53
CA THR A 39 26.38 -6.69 -4.78
C THR A 39 24.90 -6.70 -5.10
N LEU A 40 24.51 -5.79 -5.99
CA LEU A 40 23.10 -5.74 -6.41
C LEU A 40 22.65 -7.08 -6.95
N GLU A 41 23.47 -7.69 -7.80
CA GLU A 41 23.08 -8.92 -8.48
C GLU A 41 22.80 -10.05 -7.50
N THR A 42 23.63 -10.17 -6.45
CA THR A 42 23.43 -11.23 -5.48
C THR A 42 22.42 -10.85 -4.39
N LEU A 43 22.21 -9.54 -4.17
CA LEU A 43 21.23 -9.11 -3.16
C LEU A 43 19.80 -9.31 -3.66
N ILE A 44 19.57 -9.13 -4.97
CA ILE A 44 18.21 -9.12 -5.51
C ILE A 44 17.35 -10.28 -5.04
N PRO A 45 17.78 -11.55 -5.11
CA PRO A 45 16.88 -12.65 -4.69
C PRO A 45 16.53 -12.63 -3.22
N HIS A 46 17.28 -11.91 -2.38
CA HIS A 46 16.96 -11.79 -0.97
C HIS A 46 15.98 -10.68 -0.67
N VAL A 47 15.83 -9.71 -1.57
CA VAL A 47 15.03 -8.52 -1.33
C VAL A 47 13.90 -8.37 -2.33
N GLN A 48 13.78 -9.30 -3.28
CA GLN A 48 12.83 -9.18 -4.37
C GLN A 48 12.31 -10.56 -4.71
N VAL A 49 11.04 -10.62 -5.10
CA VAL A 49 10.45 -11.86 -5.59
C VAL A 49 10.99 -12.13 -6.98
N THR A 50 11.55 -13.33 -7.15
N THR A 50 11.52 -13.33 -7.19
CA THR A 50 12.09 -13.76 -8.44
CA THR A 50 12.05 -13.64 -8.51
C THR A 50 10.99 -14.24 -9.37
C THR A 50 11.05 -14.35 -9.42
N SER A 51 10.04 -15.00 -8.84
CA SER A 51 8.94 -15.54 -9.65
C SER A 51 7.64 -15.37 -8.86
N THR A 52 7.33 -16.31 -7.97
CA THR A 52 6.23 -16.14 -7.04
C THR A 52 6.62 -16.73 -5.69
N GLU A 53 5.97 -16.25 -4.64
CA GLU A 53 6.04 -16.84 -3.33
C GLU A 53 4.80 -17.69 -3.09
N PRO A 54 4.90 -18.76 -2.29
CA PRO A 54 3.79 -19.72 -2.20
C PRO A 54 2.60 -19.23 -1.42
N ASP A 55 2.75 -18.18 -0.60
CA ASP A 55 1.64 -17.67 0.17
C ASP A 55 1.97 -16.26 0.63
N LEU A 56 1.02 -15.64 1.31
CA LEU A 56 1.18 -14.26 1.76
C LEU A 56 2.33 -14.13 2.75
N VAL A 57 2.38 -15.01 3.76
CA VAL A 57 3.41 -14.89 4.79
C VAL A 57 4.81 -15.01 4.20
N SER A 58 5.00 -15.89 3.20
CA SER A 58 6.30 -16.01 2.56
C SER A 58 6.67 -14.73 1.82
N PHE A 59 5.71 -14.12 1.14
CA PHE A 59 5.95 -12.84 0.48
C PHE A 59 6.40 -11.78 1.49
N LEU A 60 5.73 -11.73 2.65
CA LEU A 60 6.03 -10.69 3.63
C LEU A 60 7.49 -10.74 4.08
N THR A 61 8.10 -11.92 4.12
N THR A 61 8.11 -11.92 4.11
CA THR A 61 9.50 -12.03 4.51
CA THR A 61 9.50 -12.00 4.53
C THR A 61 10.43 -11.26 3.58
C THR A 61 10.44 -11.27 3.58
N LYS A 62 10.03 -11.03 2.33
CA LYS A 62 10.90 -10.35 1.38
C LYS A 62 11.15 -8.90 1.76
N LEU A 63 10.30 -8.28 2.59
CA LEU A 63 10.52 -6.90 3.01
C LEU A 63 11.55 -6.78 4.14
N ASP A 64 11.97 -7.90 4.75
CA ASP A 64 12.69 -7.83 6.01
C ASP A 64 14.06 -7.15 5.88
N TRP A 65 14.81 -7.43 4.81
CA TRP A 65 16.14 -6.88 4.72
C TRP A 65 16.12 -5.36 4.55
N GLY A 66 15.13 -4.84 3.82
CA GLY A 66 15.05 -3.39 3.68
C GLY A 66 14.92 -2.70 5.02
N VAL A 67 14.07 -3.23 5.89
CA VAL A 67 13.88 -2.56 7.18
C VAL A 67 14.96 -2.91 8.18
N LYS A 68 15.74 -3.98 7.93
CA LYS A 68 16.81 -4.35 8.83
C LYS A 68 18.02 -3.43 8.72
N VAL A 69 18.08 -2.53 7.74
CA VAL A 69 19.18 -1.56 7.65
C VAL A 69 18.79 -0.19 8.17
N LEU A 70 17.58 -0.04 8.72
CA LEU A 70 17.10 1.25 9.19
C LEU A 70 17.59 1.46 10.63
N ALA A 71 18.85 1.88 10.76
CA ALA A 71 19.49 1.96 12.07
C ALA A 71 19.44 3.37 12.67
N SER A 72 18.85 4.33 11.96
CA SER A 72 18.65 5.67 12.51
C SER A 72 17.41 6.28 11.88
N LEU A 73 16.91 7.33 12.55
CA LEU A 73 15.80 8.10 11.97
C LEU A 73 16.21 8.76 10.67
N ASP A 74 17.47 9.21 10.55
CA ASP A 74 17.89 9.77 9.28
C ASP A 74 17.80 8.76 8.14
N ALA A 75 18.05 7.48 8.43
CA ALA A 75 17.90 6.45 7.40
C ALA A 75 16.43 6.34 6.98
N CYS A 76 15.51 6.47 7.94
CA CYS A 76 14.08 6.48 7.62
C CYS A 76 13.72 7.70 6.78
N ARG A 77 14.28 8.87 7.09
CA ARG A 77 14.03 10.05 6.27
C ARG A 77 14.49 9.83 4.84
N ARG A 78 15.67 9.23 4.68
CA ARG A 78 16.21 8.96 3.35
C ARG A 78 15.28 8.07 2.54
N VAL A 79 14.82 6.96 3.13
CA VAL A 79 13.96 6.06 2.37
C VAL A 79 12.61 6.72 2.05
N ALA A 80 12.08 7.56 2.95
CA ALA A 80 10.86 8.29 2.64
C ALA A 80 11.08 9.26 1.47
N PHE A 81 12.18 10.01 1.50
CA PHE A 81 12.51 10.89 0.38
C PHE A 81 12.64 10.11 -0.92
N GLU A 82 13.37 9.00 -0.89
CA GLU A 82 13.59 8.21 -2.10
C GLU A 82 12.29 7.63 -2.62
N ASN A 83 11.32 7.42 -1.73
CA ASN A 83 10.02 6.94 -2.18
C ASN A 83 9.29 8.00 -3.00
N ILE A 84 9.40 9.27 -2.62
CA ILE A 84 8.78 10.32 -3.43
C ILE A 84 9.52 10.45 -4.76
N GLU A 85 10.86 10.35 -4.71
CA GLU A 85 11.63 10.35 -5.95
C GLU A 85 11.20 9.24 -6.89
N ASP A 86 10.99 8.02 -6.35
CA ASP A 86 10.53 6.89 -7.17
C ASP A 86 9.17 7.18 -7.76
N ALA A 87 8.26 7.75 -6.97
CA ALA A 87 6.94 8.10 -7.49
C ALA A 87 7.07 9.08 -8.64
N ALA A 88 7.91 10.10 -8.48
CA ALA A 88 8.14 11.06 -9.54
C ALA A 88 8.68 10.40 -10.80
N ARG A 89 9.60 9.45 -10.63
CA ARG A 89 10.21 8.76 -11.76
C ARG A 89 9.23 7.89 -12.51
N ASN A 90 8.07 7.61 -11.92
CA ASN A 90 7.04 6.81 -12.56
C ASN A 90 5.88 7.64 -13.07
N GLY A 91 6.02 8.96 -13.11
CA GLY A 91 4.98 9.80 -13.68
C GLY A 91 3.76 9.96 -12.80
N LEU A 92 3.84 9.59 -11.53
CA LEU A 92 2.68 9.73 -10.64
C LEU A 92 2.49 11.18 -10.25
N HIS A 93 1.25 11.65 -10.35
CA HIS A 93 0.91 12.99 -9.88
C HIS A 93 0.53 13.00 -8.41
N TYR A 94 0.06 11.87 -7.91
CA TYR A 94 -0.44 11.78 -6.54
C TYR A 94 -0.21 10.36 -6.04
N VAL A 95 0.36 10.26 -4.85
N VAL A 95 0.29 10.24 -4.82
CA VAL A 95 0.54 8.98 -4.20
CA VAL A 95 0.58 8.95 -4.23
C VAL A 95 0.02 9.06 -2.76
C VAL A 95 0.25 8.97 -2.75
N GLU A 96 -0.43 7.92 -2.26
CA GLU A 96 -0.62 7.71 -0.84
C GLU A 96 0.43 6.68 -0.44
N LEU A 97 1.32 7.07 0.46
CA LEU A 97 2.39 6.19 0.90
C LEU A 97 1.97 5.62 2.24
N ARG A 98 1.91 4.30 2.34
CA ARG A 98 1.59 3.65 3.60
C ARG A 98 2.84 3.01 4.20
N PHE A 99 2.91 3.02 5.54
CA PHE A 99 4.12 2.55 6.20
C PHE A 99 3.77 2.11 7.61
N SER A 100 4.46 1.06 8.08
CA SER A 100 4.33 0.53 9.43
C SER A 100 5.49 1.04 10.26
N PRO A 101 5.30 2.05 11.11
CA PRO A 101 6.45 2.58 11.86
C PRO A 101 7.03 1.58 12.84
N GLY A 102 6.19 0.70 13.41
CA GLY A 102 6.72 -0.34 14.27
C GLY A 102 7.57 -1.34 13.53
N TYR A 103 7.15 -1.73 12.32
CA TYR A 103 7.94 -2.63 11.49
C TYR A 103 9.26 -1.98 11.09
N MSE A 104 9.22 -0.72 10.69
CA MSE A 104 10.45 0.00 10.32
C MSE A 104 11.41 0.13 11.51
O MSE A 104 12.62 0.06 11.34
CB MSE A 104 10.12 1.38 9.79
CG MSE A 104 9.50 1.34 8.42
SE MSE A 104 8.88 3.09 7.81
CE MSE A 104 10.62 3.92 7.48
N ALA A 105 10.85 0.34 12.70
CA ALA A 105 11.66 0.58 13.88
C ALA A 105 12.15 -0.70 14.55
N MSE A 106 11.61 -1.86 14.21
N MSE A 106 11.61 -1.85 14.17
CA MSE A 106 11.82 -3.01 15.08
CA MSE A 106 11.77 -3.11 14.91
C MSE A 106 13.22 -3.64 15.04
C MSE A 106 13.22 -3.54 15.04
O MSE A 106 13.66 -4.19 16.05
O MSE A 106 13.70 -3.88 16.13
CB MSE A 106 10.74 -4.08 14.89
CB MSE A 106 10.97 -4.22 14.24
CG MSE A 106 10.85 -4.86 13.60
CG MSE A 106 11.10 -5.59 14.90
SE MSE A 106 9.34 -6.11 13.48
SE MSE A 106 9.69 -6.83 14.36
CE MSE A 106 9.40 -6.82 15.30
CE MSE A 106 10.18 -7.12 12.49
N ALA A 107 13.93 -3.55 13.91
CA ALA A 107 15.25 -4.15 13.85
C ALA A 107 16.23 -3.43 14.78
N HIS A 108 16.16 -2.10 14.83
CA HIS A 108 17.12 -1.33 15.59
C HIS A 108 16.50 -0.59 16.76
N GLN A 109 15.26 -0.92 17.10
CA GLN A 109 14.57 -0.36 18.26
C GLN A 109 14.59 1.17 18.23
N LEU A 110 14.26 1.71 17.05
CA LEU A 110 14.12 3.14 16.91
C LEU A 110 12.87 3.61 17.65
N PRO A 111 12.84 4.87 18.10
CA PRO A 111 11.58 5.39 18.68
C PRO A 111 10.49 5.39 17.63
N ILE A 112 9.36 4.75 17.94
CA ILE A 112 8.32 4.53 16.93
C ILE A 112 7.72 5.86 16.48
N ALA A 113 7.47 6.78 17.41
CA ALA A 113 6.96 8.08 17.00
C ALA A 113 8.01 8.87 16.22
N GLY A 114 9.29 8.59 16.50
CA GLY A 114 10.35 9.25 15.76
C GLY A 114 10.42 8.78 14.32
N VAL A 115 10.13 7.49 14.09
CA VAL A 115 10.02 6.97 12.73
C VAL A 115 8.90 7.68 11.99
N VAL A 116 7.75 7.87 12.65
CA VAL A 116 6.64 8.61 12.03
C VAL A 116 7.09 10.01 11.63
N GLU A 117 7.75 10.71 12.55
CA GLU A 117 8.24 12.06 12.27
C GLU A 117 9.23 12.06 11.12
N ALA A 118 10.12 11.06 11.09
CA ALA A 118 11.13 10.99 10.04
C ALA A 118 10.50 10.76 8.68
N VAL A 119 9.49 9.89 8.63
CA VAL A 119 8.77 9.66 7.38
C VAL A 119 8.07 10.93 6.90
N ILE A 120 7.41 11.63 7.83
CA ILE A 120 6.77 12.91 7.49
C ILE A 120 7.80 13.89 6.92
N ASP A 121 8.98 13.97 7.56
CA ASP A 121 10.02 14.90 7.11
C ASP A 121 10.52 14.53 5.71
N GLY A 122 10.81 13.25 5.48
CA GLY A 122 11.33 12.84 4.20
C GLY A 122 10.32 13.02 3.09
N VAL A 123 9.05 12.73 3.37
CA VAL A 123 8.01 12.94 2.38
C VAL A 123 7.84 14.42 2.07
N ARG A 124 7.86 15.26 3.11
CA ARG A 124 7.77 16.71 2.90
C ARG A 124 8.87 17.20 1.98
N ASP A 125 10.11 16.80 2.29
CA ASP A 125 11.24 17.21 1.47
C ASP A 125 11.10 16.70 0.04
N GLY A 126 10.69 15.43 -0.12
CA GLY A 126 10.54 14.89 -1.45
C GLY A 126 9.47 15.60 -2.26
N CYS A 127 8.32 15.87 -1.63
CA CYS A 127 7.26 16.59 -2.34
C CYS A 127 7.73 17.98 -2.76
N ASN A 128 8.46 18.66 -1.88
CA ASN A 128 9.00 19.98 -2.20
C ASN A 128 10.00 19.91 -3.35
N THR A 129 10.77 18.82 -3.43
CA THR A 129 11.81 18.69 -4.44
C THR A 129 11.26 18.26 -5.79
N PHE A 130 10.30 17.32 -5.79
CA PHE A 130 9.83 16.71 -7.03
C PHE A 130 8.43 17.14 -7.45
N GLY A 131 7.65 17.74 -6.57
CA GLY A 131 6.33 18.21 -6.95
C GLY A 131 5.23 17.17 -6.97
N VAL A 132 5.52 15.92 -6.65
CA VAL A 132 4.49 14.92 -6.46
C VAL A 132 3.64 15.33 -5.27
N GLU A 133 2.32 15.18 -5.38
CA GLU A 133 1.44 15.35 -4.22
C GLU A 133 1.35 14.02 -3.49
N ALA A 134 1.28 14.09 -2.15
CA ALA A 134 1.30 12.87 -1.37
C ALA A 134 0.50 13.03 -0.08
N ARG A 135 -0.06 11.92 0.37
CA ARG A 135 -0.61 11.79 1.71
C ARG A 135 -0.07 10.52 2.34
N LEU A 136 -0.10 10.48 3.68
CA LEU A 136 0.47 9.37 4.44
C LEU A 136 -0.62 8.53 5.09
N ILE A 137 -0.43 7.21 5.01
CA ILE A 137 -1.30 6.22 5.64
C ILE A 137 -0.43 5.45 6.62
N GLY A 138 -0.79 5.48 7.90
CA GLY A 138 -0.09 4.64 8.87
C GLY A 138 -0.64 3.22 8.85
N ILE A 139 0.25 2.25 9.03
CA ILE A 139 -0.10 0.83 9.03
C ILE A 139 0.15 0.26 10.41
N MSE A 140 -0.81 -0.51 10.92
CA MSE A 140 -0.55 -1.44 12.00
C MSE A 140 -0.25 -2.81 11.43
O MSE A 140 -1.06 -3.36 10.67
CB MSE A 140 -1.75 -1.50 12.91
CG MSE A 140 -1.98 -0.16 13.61
SE MSE A 140 -3.49 -0.19 14.75
CE MSE A 140 -4.84 -0.67 13.43
N SER A 141 0.92 -3.34 11.76
CA SER A 141 1.34 -4.65 11.25
C SER A 141 0.74 -5.74 12.14
N ARG A 142 -0.37 -6.31 11.69
CA ARG A 142 -1.14 -7.28 12.46
C ARG A 142 -0.29 -8.46 12.88
N THR A 143 0.73 -8.78 12.09
CA THR A 143 1.61 -9.92 12.30
C THR A 143 2.22 -9.97 13.69
N PHE A 144 2.41 -8.80 14.31
CA PHE A 144 3.12 -8.72 15.57
C PHE A 144 2.19 -8.64 16.78
N GLY A 145 0.89 -8.76 16.55
CA GLY A 145 -0.07 -8.87 17.63
C GLY A 145 -0.70 -7.53 18.00
N GLU A 146 -1.80 -7.62 18.74
CA GLU A 146 -2.60 -6.44 19.05
C GLU A 146 -1.83 -5.41 19.88
N ALA A 147 -0.97 -5.87 20.80
CA ALA A 147 -0.28 -4.93 21.68
C ALA A 147 0.78 -4.15 20.91
N ALA A 148 1.54 -4.83 20.05
CA ALA A 148 2.49 -4.15 19.17
C ALA A 148 1.77 -3.13 18.29
N CYS A 149 0.58 -3.51 17.81
CA CYS A 149 -0.19 -2.59 16.96
C CYS A 149 -0.67 -1.37 17.72
N LEU A 150 -0.98 -1.52 19.01
CA LEU A 150 -1.34 -0.37 19.83
C LEU A 150 -0.15 0.58 19.97
N GLN A 151 1.07 0.06 20.08
N GLN A 151 1.07 0.05 20.07
CA GLN A 151 2.25 0.92 20.13
CA GLN A 151 2.25 0.92 20.13
C GLN A 151 2.39 1.74 18.85
C GLN A 151 2.41 1.73 18.85
N GLU A 152 2.15 1.11 17.70
CA GLU A 152 2.18 1.85 16.44
C GLU A 152 1.06 2.88 16.41
N LEU A 153 -0.13 2.49 16.87
CA LEU A 153 -1.25 3.43 16.90
C LEU A 153 -0.91 4.66 17.76
N ASP A 154 -0.32 4.44 18.94
CA ASP A 154 0.05 5.58 19.78
C ASP A 154 1.05 6.48 19.09
N ALA A 155 2.02 5.90 18.39
CA ALA A 155 3.04 6.69 17.69
C ALA A 155 2.42 7.53 16.57
N LEU A 156 1.48 6.95 15.83
CA LEU A 156 0.81 7.69 14.76
C LEU A 156 -0.12 8.77 15.31
N LEU A 157 -0.77 8.48 16.46
CA LEU A 157 -1.66 9.48 17.05
C LEU A 157 -0.88 10.71 17.53
N ALA A 158 0.38 10.53 17.91
CA ALA A 158 1.21 11.67 18.32
C ALA A 158 1.55 12.57 17.14
N HIS A 159 1.27 12.11 15.92
CA HIS A 159 1.45 12.89 14.70
C HIS A 159 0.15 12.91 13.89
N ARG A 160 -1.00 12.91 14.57
CA ARG A 160 -2.23 12.58 13.87
C ARG A 160 -2.62 13.60 12.81
N GLU A 161 -2.20 14.87 12.95
CA GLU A 161 -2.57 15.90 11.98
C GLU A 161 -1.81 15.75 10.67
N ASN A 162 -0.75 14.95 10.62
N ASN A 162 -0.77 14.93 10.63
CA ASN A 162 -0.03 14.70 9.38
CA ASN A 162 -0.01 14.67 9.42
C ASN A 162 -0.29 13.30 8.83
C ASN A 162 -0.33 13.32 8.81
N ILE A 163 -1.17 12.53 9.46
CA ILE A 163 -1.54 11.19 8.99
C ILE A 163 -2.97 11.26 8.47
N THR A 164 -3.18 10.81 7.24
CA THR A 164 -4.49 10.90 6.61
C THR A 164 -5.37 9.68 6.87
N ALA A 165 -4.78 8.50 7.01
CA ALA A 165 -5.58 7.28 7.14
C ALA A 165 -4.80 6.27 7.95
N LEU A 166 -5.51 5.26 8.46
CA LEU A 166 -4.94 4.10 9.11
C LEU A 166 -5.32 2.84 8.32
N ASP A 167 -4.38 1.88 8.27
CA ASP A 167 -4.49 0.62 7.56
C ASP A 167 -4.08 -0.49 8.51
N LEU A 168 -4.50 -1.70 8.15
CA LEU A 168 -4.08 -2.94 8.80
C LEU A 168 -3.47 -3.83 7.74
N ALA A 169 -2.24 -4.29 7.97
CA ALA A 169 -1.54 -5.08 6.97
C ALA A 169 -0.73 -6.18 7.64
N GLY A 170 -0.18 -7.07 6.82
CA GLY A 170 0.57 -8.21 7.31
C GLY A 170 -0.19 -9.53 7.19
N ASP A 171 -0.02 -10.42 8.18
CA ASP A 171 -0.54 -11.79 8.12
C ASP A 171 -2.04 -11.81 8.41
N GLU A 172 -2.85 -11.82 7.33
CA GLU A 172 -4.30 -11.73 7.47
C GLU A 172 -4.91 -12.97 8.14
N LEU A 173 -4.49 -14.18 7.74
CA LEU A 173 -5.11 -15.38 8.30
C LEU A 173 -4.75 -15.55 9.77
N GLY A 174 -3.52 -15.21 10.13
CA GLY A 174 -3.10 -15.41 11.51
C GLY A 174 -3.69 -14.42 12.49
N PHE A 175 -4.09 -13.25 12.01
CA PHE A 175 -4.54 -12.16 12.87
C PHE A 175 -5.75 -11.49 12.24
N PRO A 176 -6.93 -12.09 12.41
CA PRO A 176 -8.14 -11.55 11.77
C PRO A 176 -8.45 -10.11 12.18
N GLY A 177 -9.11 -9.41 11.27
CA GLY A 177 -9.43 -8.02 11.50
C GLY A 177 -10.29 -7.80 12.73
N SER A 178 -11.09 -8.80 13.11
CA SER A 178 -11.94 -8.68 14.31
C SER A 178 -11.12 -8.34 15.55
N LEU A 179 -9.86 -8.76 15.58
CA LEU A 179 -9.04 -8.52 16.76
C LEU A 179 -8.72 -7.03 16.96
N PHE A 180 -8.91 -6.21 15.94
CA PHE A 180 -8.45 -4.82 15.97
C PHE A 180 -9.60 -3.83 16.09
N LEU A 181 -10.73 -4.29 16.61
CA LEU A 181 -11.89 -3.44 16.82
C LEU A 181 -11.53 -2.17 17.59
N SER A 182 -10.78 -2.31 18.69
N SER A 182 -10.79 -2.32 18.69
CA SER A 182 -10.49 -1.13 19.51
CA SER A 182 -10.46 -1.17 19.53
C SER A 182 -9.54 -0.18 18.79
C SER A 182 -9.55 -0.19 18.79
N HIS A 183 -8.55 -0.72 18.07
CA HIS A 183 -7.61 0.14 17.36
C HIS A 183 -8.33 1.02 16.35
N PHE A 184 -9.28 0.44 15.62
CA PHE A 184 -10.01 1.21 14.62
C PHE A 184 -11.07 2.12 15.23
N ASN A 185 -11.64 1.76 16.37
CA ASN A 185 -12.51 2.71 17.08
C ASN A 185 -11.75 3.98 17.38
N ARG A 186 -10.50 3.86 17.84
CA ARG A 186 -9.69 5.03 18.14
C ARG A 186 -9.31 5.78 16.87
N ALA A 187 -9.00 5.06 15.80
CA ALA A 187 -8.68 5.73 14.54
C ALA A 187 -9.84 6.56 14.02
N ARG A 188 -11.06 6.03 14.09
N ARG A 188 -11.06 6.03 14.09
CA ARG A 188 -12.21 6.77 13.60
CA ARG A 188 -12.20 6.79 13.59
C ARG A 188 -12.50 7.98 14.49
C ARG A 188 -12.49 7.99 14.49
N ASP A 189 -12.31 7.83 15.80
CA ASP A 189 -12.49 8.96 16.72
C ASP A 189 -11.46 10.05 16.42
N ALA A 190 -10.27 9.69 15.96
CA ALA A 190 -9.25 10.67 15.58
C ALA A 190 -9.55 11.37 14.26
N GLY A 191 -10.58 10.93 13.54
CA GLY A 191 -10.93 11.54 12.27
C GLY A 191 -10.13 11.03 11.09
N TRP A 192 -9.42 9.92 11.23
CA TRP A 192 -8.68 9.37 10.11
C TRP A 192 -9.61 8.63 9.16
N HIS A 193 -9.24 8.63 7.89
CA HIS A 193 -9.85 7.71 6.94
C HIS A 193 -9.36 6.29 7.22
N ILE A 194 -10.12 5.31 6.75
CA ILE A 194 -9.84 3.91 7.04
C ILE A 194 -9.70 3.11 5.76
N THR A 195 -8.60 2.36 5.64
CA THR A 195 -8.49 1.30 4.67
C THR A 195 -7.98 0.05 5.39
N VAL A 196 -8.27 -1.13 4.85
CA VAL A 196 -7.91 -2.39 5.51
C VAL A 196 -7.53 -3.40 4.45
N HIS A 197 -6.35 -4.02 4.59
CA HIS A 197 -6.05 -5.20 3.76
C HIS A 197 -7.00 -6.31 4.17
N ALA A 198 -7.83 -6.78 3.24
CA ALA A 198 -8.81 -7.80 3.59
C ALA A 198 -9.25 -8.56 2.34
N GLY A 199 -9.55 -9.85 2.53
CA GLY A 199 -10.00 -10.64 1.38
C GLY A 199 -8.88 -10.98 0.43
N GLU A 200 -7.66 -11.07 0.94
CA GLU A 200 -6.51 -11.44 0.15
C GLU A 200 -6.21 -12.90 0.44
N ALA A 201 -5.77 -13.19 1.66
CA ALA A 201 -5.57 -14.57 2.07
C ALA A 201 -6.82 -15.17 2.68
N ALA A 202 -7.72 -14.37 3.24
CA ALA A 202 -8.98 -14.83 3.80
C ALA A 202 -10.12 -14.55 2.82
N GLY A 203 -11.33 -14.91 3.22
CA GLY A 203 -12.47 -14.87 2.35
C GLY A 203 -13.31 -13.61 2.49
N PRO A 204 -14.50 -13.63 1.88
CA PRO A 204 -15.36 -12.44 1.90
C PRO A 204 -15.76 -12.01 3.30
N GLU A 205 -15.79 -12.93 4.26
N GLU A 205 -15.78 -12.94 4.26
CA GLU A 205 -16.15 -12.54 5.62
CA GLU A 205 -16.13 -12.60 5.63
C GLU A 205 -15.17 -11.53 6.18
C GLU A 205 -15.17 -11.56 6.21
N SER A 206 -13.90 -11.63 5.80
CA SER A 206 -12.93 -10.66 6.27
C SER A 206 -13.21 -9.28 5.70
N ILE A 207 -13.68 -9.22 4.44
CA ILE A 207 -14.04 -7.94 3.84
C ILE A 207 -15.25 -7.33 4.54
N TRP A 208 -16.30 -8.15 4.77
CA TRP A 208 -17.46 -7.67 5.51
C TRP A 208 -17.07 -7.14 6.88
N GLN A 209 -16.17 -7.86 7.58
CA GLN A 209 -15.73 -7.40 8.90
C GLN A 209 -15.02 -6.06 8.81
N ALA A 210 -14.17 -5.87 7.79
CA ALA A 210 -13.45 -4.62 7.64
C ALA A 210 -14.42 -3.46 7.40
N ILE A 211 -15.46 -3.71 6.60
CA ILE A 211 -16.43 -2.67 6.30
C ILE A 211 -17.29 -2.38 7.53
N ARG A 212 -17.87 -3.42 8.11
N ARG A 212 -17.88 -3.43 8.11
CA ARG A 212 -18.91 -3.22 9.12
CA ARG A 212 -18.90 -3.25 9.13
C ARG A 212 -18.35 -2.92 10.51
C ARG A 212 -18.32 -2.87 10.48
N GLU A 213 -17.19 -3.47 10.86
CA GLU A 213 -16.63 -3.27 12.20
C GLU A 213 -15.48 -2.27 12.23
N LEU A 214 -14.62 -2.29 11.22
CA LEU A 214 -13.49 -1.37 11.23
C LEU A 214 -13.81 -0.05 10.55
N GLY A 215 -14.95 0.06 9.87
CA GLY A 215 -15.33 1.31 9.24
C GLY A 215 -14.59 1.61 7.97
N ALA A 216 -14.13 0.58 7.25
CA ALA A 216 -13.30 0.79 6.08
C ALA A 216 -14.03 1.57 4.99
N GLU A 217 -13.35 2.58 4.45
CA GLU A 217 -13.81 3.30 3.28
C GLU A 217 -13.24 2.74 1.98
N ARG A 218 -12.13 2.01 2.07
CA ARG A 218 -11.54 1.27 0.96
C ARG A 218 -11.04 -0.05 1.51
N ILE A 219 -10.84 -1.00 0.62
CA ILE A 219 -10.36 -2.33 0.96
C ILE A 219 -9.12 -2.61 0.14
N GLY A 220 -8.03 -2.96 0.82
CA GLY A 220 -6.83 -3.41 0.16
C GLY A 220 -7.04 -4.81 -0.38
N HIS A 221 -6.91 -4.97 -1.71
CA HIS A 221 -7.11 -6.23 -2.42
C HIS A 221 -8.59 -6.58 -2.56
N GLY A 222 -9.20 -7.10 -1.50
CA GLY A 222 -10.61 -7.48 -1.63
C GLY A 222 -10.87 -8.53 -2.70
N VAL A 223 -9.87 -9.33 -3.04
CA VAL A 223 -9.96 -10.26 -4.17
C VAL A 223 -11.15 -11.21 -4.00
N LYS A 224 -11.40 -11.65 -2.77
CA LYS A 224 -12.44 -12.64 -2.54
C LYS A 224 -13.84 -12.04 -2.52
N ALA A 225 -13.98 -10.72 -2.76
CA ALA A 225 -15.32 -10.13 -2.78
C ALA A 225 -16.18 -10.72 -3.88
N VAL A 226 -15.57 -11.21 -4.95
CA VAL A 226 -16.40 -11.75 -6.04
C VAL A 226 -17.15 -13.01 -5.64
N GLU A 227 -16.83 -13.58 -4.49
CA GLU A 227 -17.53 -14.77 -4.00
C GLU A 227 -18.88 -14.43 -3.38
N ASP A 228 -19.22 -13.16 -3.23
CA ASP A 228 -20.46 -12.75 -2.55
C ASP A 228 -21.05 -11.58 -3.32
N ARG A 229 -22.13 -11.84 -4.07
CA ARG A 229 -22.74 -10.79 -4.89
C ARG A 229 -23.32 -9.67 -4.04
N ALA A 230 -23.84 -10.00 -2.85
CA ALA A 230 -24.36 -8.96 -1.98
C ALA A 230 -23.24 -8.01 -1.56
N LEU A 231 -22.04 -8.57 -1.34
CA LEU A 231 -20.88 -7.75 -1.01
C LEU A 231 -20.48 -6.86 -2.18
N MSE A 232 -20.45 -7.42 -3.40
N MSE A 232 -20.42 -7.43 -3.38
CA MSE A 232 -20.16 -6.64 -4.59
CA MSE A 232 -20.17 -6.64 -4.58
C MSE A 232 -21.12 -5.46 -4.73
C MSE A 232 -21.11 -5.45 -4.70
O MSE A 232 -20.71 -4.34 -5.05
O MSE A 232 -20.69 -4.33 -4.97
CB MSE A 232 -20.26 -7.52 -5.84
CB MSE A 232 -20.30 -7.52 -5.82
CG MSE A 232 -19.26 -8.65 -5.87
CG MSE A 232 -19.33 -8.67 -5.81
SE MSE A 232 -17.45 -8.01 -6.20
SE MSE A 232 -17.58 -8.01 -6.21
CE MSE A 232 -17.73 -7.30 -8.00
CE MSE A 232 -17.74 -8.03 -8.14
N ASP A 233 -22.41 -5.71 -4.47
CA ASP A 233 -23.41 -4.66 -4.54
C ASP A 233 -23.16 -3.60 -3.47
N PHE A 234 -22.82 -4.04 -2.26
CA PHE A 234 -22.57 -3.08 -1.18
C PHE A 234 -21.37 -2.21 -1.51
N LEU A 235 -20.29 -2.80 -2.03
CA LEU A 235 -19.13 -2.02 -2.43
C LEU A 235 -19.52 -0.96 -3.45
N ALA A 236 -20.29 -1.35 -4.46
CA ALA A 236 -20.64 -0.41 -5.52
C ALA A 236 -21.59 0.67 -5.01
N GLN A 237 -22.62 0.27 -4.25
CA GLN A 237 -23.63 1.23 -3.79
C GLN A 237 -23.05 2.20 -2.77
N GLN A 238 -22.20 1.72 -1.86
CA GLN A 238 -21.61 2.57 -0.83
C GLN A 238 -20.32 3.24 -1.26
N ARG A 239 -19.89 3.01 -2.50
CA ARG A 239 -18.68 3.64 -3.03
C ARG A 239 -17.45 3.31 -2.20
N ILE A 240 -17.35 2.07 -1.74
N ILE A 240 -17.38 2.07 -1.71
CA ILE A 240 -16.18 1.60 -1.02
CA ILE A 240 -16.19 1.57 -1.04
C ILE A 240 -15.13 1.18 -2.04
C ILE A 240 -15.16 1.25 -2.11
N GLY A 241 -13.99 1.87 -2.02
CA GLY A 241 -12.97 1.63 -3.04
C GLY A 241 -12.30 0.28 -2.87
N ILE A 242 -11.86 -0.27 -3.99
CA ILE A 242 -11.06 -1.50 -4.03
C ILE A 242 -9.68 -1.14 -4.55
N GLU A 243 -8.66 -1.49 -3.79
CA GLU A 243 -7.28 -1.17 -4.16
C GLU A 243 -6.68 -2.43 -4.76
N SER A 244 -6.70 -2.55 -6.10
CA SER A 244 -6.20 -3.75 -6.76
C SER A 244 -4.70 -3.63 -7.03
N CYS A 245 -3.99 -4.76 -6.81
CA CYS A 245 -2.53 -4.86 -6.96
C CYS A 245 -2.31 -6.17 -7.72
N LEU A 246 -2.29 -6.08 -9.04
CA LEU A 246 -2.30 -7.29 -9.88
C LEU A 246 -1.04 -8.13 -9.67
N THR A 247 0.14 -7.56 -9.90
CA THR A 247 1.37 -8.35 -9.78
C THR A 247 1.56 -8.87 -8.35
N SER A 248 1.26 -8.04 -7.35
CA SER A 248 1.31 -8.50 -5.97
C SER A 248 0.50 -9.77 -5.77
N ASN A 249 -0.74 -9.80 -6.29
CA ASN A 249 -1.60 -10.96 -6.11
C ASN A 249 -1.04 -12.21 -6.78
N ILE A 250 -0.35 -12.05 -7.91
CA ILE A 250 0.37 -13.18 -8.51
C ILE A 250 1.51 -13.63 -7.60
N GLN A 251 2.25 -12.67 -7.04
CA GLN A 251 3.46 -13.01 -6.30
C GLN A 251 3.19 -13.56 -4.91
N THR A 252 2.01 -13.30 -4.33
CA THR A 252 1.61 -13.91 -3.06
C THR A 252 0.83 -15.20 -3.27
N SER A 253 0.65 -15.63 -4.52
CA SER A 253 -0.21 -16.78 -4.84
C SER A 253 -1.66 -16.56 -4.45
N THR A 254 -2.08 -15.30 -4.34
CA THR A 254 -3.48 -15.00 -4.06
C THR A 254 -4.35 -15.33 -5.27
N VAL A 255 -3.84 -15.11 -6.48
CA VAL A 255 -4.41 -15.61 -7.71
C VAL A 255 -3.32 -16.37 -8.45
N ALA A 256 -3.73 -17.44 -9.15
CA ALA A 256 -2.75 -18.27 -9.84
C ALA A 256 -2.35 -17.69 -11.19
N SER A 257 -3.25 -16.95 -11.83
CA SER A 257 -2.93 -16.31 -13.09
C SER A 257 -3.75 -15.04 -13.23
N LEU A 258 -3.21 -14.07 -13.95
CA LEU A 258 -3.90 -12.80 -14.09
C LEU A 258 -5.18 -12.94 -14.89
N ALA A 259 -5.25 -13.94 -15.78
CA ALA A 259 -6.47 -14.17 -16.54
C ALA A 259 -7.68 -14.39 -15.64
N ASP A 260 -7.46 -14.87 -14.42
CA ASP A 260 -8.56 -15.11 -13.49
C ASP A 260 -8.66 -14.04 -12.39
N HIS A 261 -7.98 -12.91 -12.57
CA HIS A 261 -8.07 -11.86 -11.58
C HIS A 261 -9.44 -11.19 -11.62
N PRO A 262 -9.99 -10.83 -10.45
CA PRO A 262 -11.35 -10.26 -10.41
C PRO A 262 -11.45 -8.79 -10.80
N LEU A 263 -10.34 -8.09 -11.09
CA LEU A 263 -10.42 -6.66 -11.35
C LEU A 263 -11.45 -6.32 -12.42
N LYS A 264 -11.44 -7.01 -13.55
N LYS A 264 -11.41 -7.02 -13.56
CA LYS A 264 -12.41 -6.67 -14.59
CA LYS A 264 -12.39 -6.79 -14.62
C LYS A 264 -13.84 -6.94 -14.12
C LYS A 264 -13.81 -6.94 -14.11
N THR A 265 -14.04 -7.98 -13.30
CA THR A 265 -15.36 -8.23 -12.73
C THR A 265 -15.80 -7.08 -11.82
N PHE A 266 -14.90 -6.57 -10.99
CA PHE A 266 -15.21 -5.40 -10.17
C PHE A 266 -15.70 -4.24 -11.04
N LEU A 267 -14.94 -3.92 -12.09
CA LEU A 267 -15.29 -2.78 -12.93
C LEU A 267 -16.62 -2.99 -13.64
N GLU A 268 -16.89 -4.22 -14.08
CA GLU A 268 -18.17 -4.49 -14.73
C GLU A 268 -19.36 -4.37 -13.77
N HIS A 269 -19.13 -4.50 -12.46
N HIS A 269 -19.11 -4.52 -12.46
CA HIS A 269 -20.17 -4.33 -11.47
CA HIS A 269 -20.13 -4.36 -11.43
C HIS A 269 -20.24 -2.92 -10.91
C HIS A 269 -20.24 -2.93 -10.91
N GLY A 270 -19.46 -2.00 -11.46
CA GLY A 270 -19.51 -0.62 -11.01
C GLY A 270 -18.73 -0.33 -9.75
N VAL A 271 -17.90 -1.27 -9.31
CA VAL A 271 -17.08 -1.07 -8.13
C VAL A 271 -15.93 -0.14 -8.48
N LEU A 272 -15.62 0.77 -7.56
CA LEU A 272 -14.55 1.74 -7.76
C LEU A 272 -13.21 1.08 -7.43
N ALA A 273 -12.79 0.19 -8.33
CA ALA A 273 -11.51 -0.49 -8.24
C ALA A 273 -10.44 0.28 -9.01
N SER A 274 -9.25 0.35 -8.43
CA SER A 274 -8.12 1.12 -8.95
C SER A 274 -6.91 0.21 -9.13
N LEU A 275 -5.95 0.68 -9.95
CA LEU A 275 -4.70 -0.04 -10.16
C LEU A 275 -3.61 0.55 -9.27
N ASN A 276 -2.85 -0.32 -8.61
CA ASN A 276 -1.84 0.09 -7.65
C ASN A 276 -0.64 -0.84 -7.72
N THR A 277 0.44 -0.47 -7.03
CA THR A 277 1.67 -1.29 -7.07
C THR A 277 1.80 -2.27 -5.92
N ASP A 278 1.53 -1.83 -4.69
CA ASP A 278 1.77 -2.58 -3.45
C ASP A 278 3.20 -2.37 -2.94
N ASP A 279 4.16 -3.20 -3.34
CA ASP A 279 5.55 -3.10 -2.87
C ASP A 279 6.51 -3.09 -4.06
N PRO A 280 6.74 -1.91 -4.67
CA PRO A 280 7.51 -1.90 -5.94
C PRO A 280 8.88 -2.55 -5.87
N ALA A 281 9.71 -2.22 -4.87
CA ALA A 281 11.05 -2.78 -4.84
C ALA A 281 11.01 -4.29 -4.65
N VAL A 282 10.11 -4.77 -3.81
CA VAL A 282 10.02 -6.21 -3.54
C VAL A 282 9.52 -6.96 -4.77
N GLN A 283 8.60 -6.36 -5.52
CA GLN A 283 8.01 -7.03 -6.67
C GLN A 283 8.83 -6.88 -7.94
N GLY A 284 9.72 -5.89 -8.00
CA GLY A 284 10.49 -5.64 -9.20
C GLY A 284 9.73 -4.93 -10.29
N VAL A 285 8.57 -4.34 -9.98
CA VAL A 285 7.73 -3.66 -10.96
C VAL A 285 7.22 -2.40 -10.30
N ASP A 286 6.83 -1.43 -11.14
CA ASP A 286 6.18 -0.23 -10.65
C ASP A 286 4.90 0.00 -11.46
N ILE A 287 4.34 1.20 -11.36
CA ILE A 287 2.98 1.43 -11.85
C ILE A 287 2.90 1.32 -13.37
N ILE A 288 3.97 1.68 -14.07
CA ILE A 288 3.95 1.61 -15.53
C ILE A 288 3.77 0.16 -15.98
N HIS A 289 4.49 -0.76 -15.33
CA HIS A 289 4.31 -2.18 -15.61
C HIS A 289 2.89 -2.63 -15.32
N GLU A 290 2.28 -2.14 -14.24
CA GLU A 290 0.93 -2.58 -13.93
C GLU A 290 -0.05 -2.19 -15.03
N TYR A 291 0.14 -1.01 -15.62
CA TYR A 291 -0.76 -0.55 -16.67
C TYR A 291 -0.50 -1.25 -18.00
N HIS A 292 0.77 -1.49 -18.34
CA HIS A 292 1.12 -1.95 -19.68
C HIS A 292 1.29 -3.45 -19.80
N VAL A 293 1.52 -4.15 -18.69
CA VAL A 293 1.73 -5.59 -18.74
C VAL A 293 0.63 -6.30 -17.95
N ALA A 294 0.50 -5.96 -16.66
CA ALA A 294 -0.41 -6.71 -15.80
C ALA A 294 -1.87 -6.49 -16.18
N ALA A 295 -2.29 -5.24 -16.35
CA ALA A 295 -3.70 -4.98 -16.64
C ALA A 295 -4.19 -5.62 -17.93
N PRO A 296 -3.47 -5.53 -19.06
CA PRO A 296 -3.93 -6.27 -20.25
C PRO A 296 -3.95 -7.77 -20.03
N ALA A 297 -2.98 -8.32 -19.30
CA ALA A 297 -2.98 -9.74 -19.00
C ALA A 297 -4.17 -10.13 -18.15
N ALA A 298 -4.69 -9.20 -17.35
CA ALA A 298 -5.87 -9.46 -16.54
C ALA A 298 -7.16 -9.33 -17.34
N GLY A 299 -7.06 -9.08 -18.64
CA GLY A 299 -8.22 -9.10 -19.51
C GLY A 299 -8.96 -7.79 -19.61
N LEU A 300 -8.40 -6.70 -19.08
CA LEU A 300 -9.08 -5.42 -19.12
C LEU A 300 -9.01 -4.80 -20.52
N SER A 301 -10.13 -4.21 -20.95
CA SER A 301 -10.14 -3.43 -22.16
C SER A 301 -9.47 -2.08 -21.92
N ARG A 302 -9.21 -1.36 -23.01
N ARG A 302 -9.19 -1.36 -23.01
CA ARG A 302 -8.60 -0.04 -22.88
CA ARG A 302 -8.63 -0.02 -22.90
C ARG A 302 -9.51 0.91 -22.11
C ARG A 302 -9.52 0.88 -22.06
N GLU A 303 -10.82 0.79 -22.29
N GLU A 303 -10.83 0.81 -22.28
CA GLU A 303 -11.75 1.63 -21.53
CA GLU A 303 -11.76 1.64 -21.51
C GLU A 303 -11.74 1.28 -20.04
C GLU A 303 -11.74 1.27 -20.03
N GLN A 304 -11.63 -0.02 -19.73
CA GLN A 304 -11.58 -0.45 -18.33
C GLN A 304 -10.31 0.03 -17.64
N ILE A 305 -9.18 0.01 -18.36
CA ILE A 305 -7.93 0.53 -17.79
C ILE A 305 -8.07 2.01 -17.48
N ARG A 306 -8.66 2.77 -18.40
CA ARG A 306 -8.93 4.18 -18.15
C ARG A 306 -9.85 4.37 -16.95
N GLN A 307 -10.88 3.53 -16.83
CA GLN A 307 -11.78 3.67 -15.68
C GLN A 307 -11.05 3.41 -14.38
N ALA A 308 -10.16 2.41 -14.36
CA ALA A 308 -9.36 2.16 -13.16
C ALA A 308 -8.48 3.37 -12.84
N GLN A 309 -7.92 4.02 -13.87
CA GLN A 309 -7.11 5.20 -13.64
C GLN A 309 -7.93 6.33 -13.01
N ILE A 310 -9.15 6.53 -13.51
CA ILE A 310 -10.05 7.53 -12.94
C ILE A 310 -10.39 7.17 -11.50
N ASN A 311 -10.70 5.90 -11.25
CA ASN A 311 -11.14 5.47 -9.92
C ASN A 311 -10.09 5.71 -8.86
N GLY A 312 -8.81 5.65 -9.21
CA GLY A 312 -7.76 5.86 -8.23
C GLY A 312 -7.83 7.24 -7.61
N LEU A 313 -8.10 8.26 -8.43
CA LEU A 313 -8.29 9.59 -7.86
C LEU A 313 -9.64 9.70 -7.16
N GLU A 314 -10.68 9.07 -7.71
CA GLU A 314 -12.01 9.18 -7.10
C GLU A 314 -12.02 8.63 -5.69
N ILE A 315 -11.24 7.59 -5.41
CA ILE A 315 -11.23 6.98 -4.07
C ILE A 315 -10.10 7.51 -3.20
N ALA A 316 -9.24 8.38 -3.72
CA ALA A 316 -8.18 8.97 -2.93
C ALA A 316 -8.74 9.71 -1.72
N PHE A 317 -7.98 9.71 -0.63
CA PHE A 317 -8.37 10.40 0.60
C PHE A 317 -7.97 11.87 0.48
N LEU A 318 -8.63 12.55 -0.45
CA LEU A 318 -8.39 13.95 -0.79
C LEU A 318 -9.72 14.69 -0.80
N SER A 319 -9.65 16.01 -0.54
CA SER A 319 -10.83 16.84 -0.64
C SER A 319 -11.25 17.01 -2.09
N ASP A 320 -12.49 17.44 -2.29
CA ASP A 320 -12.96 17.72 -3.64
C ASP A 320 -12.07 18.74 -4.32
N SER A 321 -11.62 19.76 -3.57
CA SER A 321 -10.77 20.80 -4.15
C SER A 321 -9.45 20.21 -4.64
N GLU A 322 -8.83 19.34 -3.83
CA GLU A 322 -7.55 18.74 -4.19
C GLU A 322 -7.68 17.84 -5.41
N LYS A 323 -8.76 17.06 -5.48
CA LYS A 323 -9.00 16.23 -6.67
C LYS A 323 -9.23 17.10 -7.90
N ARG A 324 -10.01 18.17 -7.74
CA ARG A 324 -10.25 19.07 -8.87
C ARG A 324 -8.95 19.68 -9.38
N ALA A 325 -8.07 20.11 -8.48
CA ALA A 325 -6.83 20.75 -8.90
C ALA A 325 -5.97 19.81 -9.72
N LEU A 326 -5.88 18.53 -9.30
CA LEU A 326 -5.11 17.57 -10.07
C LEU A 326 -5.72 17.34 -11.45
N ARG A 327 -7.05 17.23 -11.52
N ARG A 327 -7.05 17.23 -11.52
CA ARG A 327 -7.70 17.03 -12.81
CA ARG A 327 -7.69 17.02 -12.81
C ARG A 327 -7.53 18.24 -13.71
C ARG A 327 -7.54 18.23 -13.72
N GLU A 328 -7.68 19.45 -13.16
CA GLU A 328 -7.57 20.64 -13.99
C GLU A 328 -6.17 20.78 -14.56
N LYS A 329 -5.15 20.44 -13.77
CA LYS A 329 -3.77 20.59 -14.22
C LYS A 329 -3.48 19.67 -15.39
N VAL A 330 -3.82 18.39 -15.24
CA VAL A 330 -3.43 17.35 -16.20
C VAL A 330 -4.26 17.43 -17.47
N ALA A 331 -5.50 17.93 -17.40
CA ALA A 331 -6.37 18.02 -18.56
C ALA A 331 -5.76 18.86 -19.67
N1 DCF B . 2.79 -5.47 1.57
C2 DCF B . 3.28 -5.12 2.80
N3 DCF B . 2.48 -5.61 3.76
C9 DCF B . 1.66 -6.22 1.71
C10 DCF B . 1.50 -6.27 3.16
N4 DCF B . 0.49 -6.89 3.87
C5 DCF B . -0.44 -7.64 3.42
N6 DCF B . -0.64 -8.09 2.17
C7 DCF B . 0.36 -8.17 1.11
C8 DCF B . 0.84 -6.81 0.63
O8 DCF B . -0.29 -5.97 0.27
C2S DCF B . 4.01 -5.94 5.68
C3S DCF B . 4.29 -5.01 6.84
O3S DCF B . 3.52 -5.47 7.96
O5S DCF B . 4.12 -1.64 5.18
C5S DCF B . 4.76 -2.79 5.72
C4S DCF B . 3.70 -3.69 6.37
O4S DCF B . 2.67 -4.01 5.41
C1S DCF B . 2.66 -5.42 5.20
ZN ZN C . -0.36 -3.89 0.68
CA CA D . -12.07 23.16 -16.15
CA CA E . 2.21 18.77 -7.96
C FMT F . 31.62 -0.47 6.18
O1 FMT F . 30.88 -1.44 6.28
O2 FMT F . 31.33 0.65 6.62
#